data_3BWP
#
_entry.id   3BWP
#
_cell.length_a   88.854
_cell.length_b   94.958
_cell.length_c   225.910
_cell.angle_alpha   90.00
_cell.angle_beta   90.00
_cell.angle_gamma   90.00
#
_symmetry.space_group_name_H-M   'P 21 21 21'
#
loop_
_entity.id
_entity.type
_entity.pdbx_description
1 polymer 'Group IIC intron'
2 non-polymer 'MAGNESIUM ION'
3 non-polymer 'POTASSIUM ION'
4 water water
#
_entity_poly.entity_id   1
_entity_poly.type   'polyribonucleotide'
_entity_poly.pdbx_seq_one_letter_code
;GUGUGCCCGGCAUGGGUGCAGUCUAUAGGGUGAGAGUCCCGAACUGUGAAGGCAGAAGUAACAGUUAGCCUAACGCAAGG
GUGUCCGUGGCGACAUGGAAUCUGAAGGAAGCGGACGGCAAACCUUCGGUCUGAGGAACACGAACUUCAUAUGAGGCUAG
GUAUCAAUGGAUGAGUUUGCAUAACAAAACAAAGUCCUUUCUGCCAAAGUUGGUACAGAGUAAAUGAAGCAGAUUGAUGA
AGGGAAAGACUGCAUUCUUACCCGGGGAGGUCUGGAAACAGAAGUCAGCAGAAGUCAUAGUACCCUGUUCGCAGGGGAAG
GACGGAACAAGUAUGGCGUUCGCGCCUAAGCUUGAACCGCCGUAUACCGAACGGUACGUACGGUGGUGUGAGAGGAGUUC
GCUCUACUCUAU
;
_entity_poly.pdbx_strand_id   A
#
loop_
_chem_comp.id
_chem_comp.type
_chem_comp.name
_chem_comp.formula
A RNA linking ADENOSINE-5'-MONOPHOSPHATE 'C10 H14 N5 O7 P'
C RNA linking CYTIDINE-5'-MONOPHOSPHATE 'C9 H14 N3 O8 P'
G RNA linking GUANOSINE-5'-MONOPHOSPHATE 'C10 H14 N5 O8 P'
K non-polymer 'POTASSIUM ION' 'K 1'
MG non-polymer 'MAGNESIUM ION' 'Mg 2'
U RNA linking URIDINE-5'-MONOPHOSPHATE 'C9 H13 N2 O9 P'
#
# COMPACT_ATOMS: atom_id res chain seq x y z
MG MG B . -5.89 -1.50 10.78
MG MG C . -9.03 -1.81 13.08
MG MG D . 2.88 4.63 -4.48
MG MG E . 8.25 2.50 -13.41
MG MG F . 3.19 -12.00 4.56
MG MG G . -6.33 -12.60 2.81
MG MG H . -14.60 20.11 -7.52
K K I . -7.60 3.85 5.61
K K J . 29.13 -3.19 -11.44
#